data_3OQG
#
_entry.id   3OQG
#
_cell.length_a   65.236
_cell.length_b   65.236
_cell.length_c   220.630
_cell.angle_alpha   90.00
_cell.angle_beta   90.00
_cell.angle_gamma   90.00
#
_symmetry.space_group_name_H-M   'P 41 21 2'
#
loop_
_entity.id
_entity.type
_entity.pdbx_description
1 polymer Hpy188I
2 polymer "DNA 5'-D(*GP*AP*TP*CP*TP*GP*AP*AP*C)-3'"
3 polymer "DNA 5'-D(*GP*TP*TP*CP*AP*GP*AP*TP*C)-3'"
4 non-polymer 'SODIUM ION'
5 non-polymer 'CHLORIDE ION'
6 water water
#
loop_
_entity_poly.entity_id
_entity_poly.type
_entity_poly.pdbx_seq_one_letter_code
_entity_poly.pdbx_strand_id
1 'polypeptide(L)'
;MGHHHHHHEFMAKRKSDIILKSVDDLKDEIDYKDFEYKEYFNLLCELVPNNSLEKLEINAIDEKN(MSE)KNEGLVYVFV
IQGKIFKIGHSITPITKRVQSYNCGKVEYRKNGTCSTTNYFVLQSLLKINKIVQVYAFFPEQPTYTLFGKTYQDSFSTSK
RAENVILENFIKNHNKKPIGCTQT
;
A,B
2 'polydeoxyribonucleotide' (DG)(DA)(DT)(DC)(DT)(DG)(DA)(DA)(DC) C
3 'polydeoxyribonucleotide' (DG)(DT)(DT)(DC)(DA)(DG)(DA)(DT)(DC) D
#
loop_
_chem_comp.id
_chem_comp.type
_chem_comp.name
_chem_comp.formula
CL non-polymer 'CHLORIDE ION' 'Cl -1'
DA DNA linking 2'-DEOXYADENOSINE-5'-MONOPHOSPHATE 'C10 H14 N5 O6 P'
DC DNA linking 2'-DEOXYCYTIDINE-5'-MONOPHOSPHATE 'C9 H14 N3 O7 P'
DG DNA linking 2'-DEOXYGUANOSINE-5'-MONOPHOSPHATE 'C10 H14 N5 O7 P'
DT DNA linking THYMIDINE-5'-MONOPHOSPHATE 'C10 H15 N2 O8 P'
NA non-polymer 'SODIUM ION' 'Na 1'
#
# COMPACT_ATOMS: atom_id res chain seq x y z
N HIS A 5 -30.73 18.90 -11.41
CA HIS A 5 -30.52 17.49 -10.95
C HIS A 5 -29.15 17.30 -10.30
N HIS A 6 -29.12 17.16 -8.97
CA HIS A 6 -27.87 17.01 -8.22
C HIS A 6 -27.24 15.64 -8.46
N HIS A 7 -25.91 15.60 -8.46
CA HIS A 7 -25.22 14.32 -8.60
C HIS A 7 -25.54 13.42 -7.40
N HIS A 8 -25.43 13.99 -6.19
CA HIS A 8 -25.79 13.28 -4.96
C HIS A 8 -26.32 14.28 -3.95
N GLU A 9 -26.80 13.81 -2.79
CA GLU A 9 -27.48 14.72 -1.83
C GLU A 9 -26.75 14.91 -0.51
N PHE A 10 -25.88 13.97 -0.19
CA PHE A 10 -25.14 14.01 1.08
C PHE A 10 -23.94 14.92 0.93
N MET A 11 -23.39 15.37 2.06
N MET A 11 -23.39 15.37 2.06
CA MET A 11 -22.20 16.20 2.05
CA MET A 11 -22.20 16.20 2.05
C MET A 11 -21.00 15.30 2.34
C MET A 11 -21.00 15.28 2.34
N ALA A 12 -20.28 14.95 1.27
CA ALA A 12 -19.13 14.06 1.35
C ALA A 12 -18.07 14.64 2.27
N LYS A 13 -17.43 13.79 3.06
N LYS A 13 -17.43 13.77 3.06
CA LYS A 13 -16.31 14.21 3.90
CA LYS A 13 -16.29 14.14 3.90
C LYS A 13 -14.99 14.03 3.14
C LYS A 13 -15.00 14.08 3.11
N ARG A 14 -15.04 13.33 2.00
CA ARG A 14 -13.86 13.03 1.21
C ARG A 14 -14.28 12.51 -0.16
N LYS A 15 -13.37 12.57 -1.15
N LYS A 15 -13.34 12.56 -1.11
CA LYS A 15 -13.71 12.17 -2.52
CA LYS A 15 -13.60 12.20 -2.50
C LYS A 15 -14.20 10.74 -2.60
C LYS A 15 -14.08 10.75 -2.68
N SER A 16 -13.57 9.84 -1.84
CA SER A 16 -13.89 8.42 -1.94
C SER A 16 -15.32 8.09 -1.49
N ASP A 17 -15.96 9.02 -0.76
CA ASP A 17 -17.37 8.86 -0.34
C ASP A 17 -18.32 8.94 -1.54
N ILE A 18 -17.88 9.58 -2.63
CA ILE A 18 -18.77 9.88 -3.76
C ILE A 18 -18.64 8.81 -4.81
N ILE A 19 -19.61 7.91 -4.82
CA ILE A 19 -19.60 6.79 -5.75
C ILE A 19 -20.20 7.27 -7.08
N LEU A 20 -19.56 6.92 -8.18
CA LEU A 20 -20.09 7.28 -9.50
C LEU A 20 -21.38 6.53 -9.76
N LYS A 21 -22.34 7.18 -10.42
CA LYS A 21 -23.70 6.64 -10.52
CA LYS A 21 -23.73 6.72 -10.54
C LYS A 21 -24.06 6.05 -11.89
N SER A 22 -23.32 6.41 -12.93
CA SER A 22 -23.58 5.92 -14.27
C SER A 22 -22.45 6.29 -15.20
N VAL A 23 -22.49 5.72 -16.41
N VAL A 23 -22.49 5.73 -16.42
CA VAL A 23 -21.53 6.08 -17.47
CA VAL A 23 -21.47 6.02 -17.42
C VAL A 23 -21.51 7.59 -17.77
C VAL A 23 -21.50 7.52 -17.84
N ASP A 24 -22.64 8.28 -17.60
N ASP A 24 -22.60 8.22 -17.57
CA ASP A 24 -22.68 9.74 -17.79
CA ASP A 24 -22.68 9.68 -17.77
C ASP A 24 -21.63 10.45 -16.93
C ASP A 24 -21.63 10.42 -16.95
N ASP A 25 -21.25 9.84 -15.80
CA ASP A 25 -20.24 10.44 -14.93
C ASP A 25 -18.86 10.46 -15.56
N LEU A 26 -18.68 9.68 -16.63
CA LEU A 26 -17.41 9.62 -17.35
C LEU A 26 -17.33 10.54 -18.57
N LYS A 27 -18.34 11.36 -18.79
CA LYS A 27 -18.42 12.08 -20.06
C LYS A 27 -17.28 13.07 -20.30
N ASP A 28 -16.64 13.57 -19.24
CA ASP A 28 -15.50 14.50 -19.39
C ASP A 28 -14.14 13.82 -19.27
N GLU A 29 -14.15 12.50 -19.17
CA GLU A 29 -12.91 11.76 -19.13
C GLU A 29 -12.22 11.69 -20.50
N ILE A 30 -10.98 11.21 -20.47
CA ILE A 30 -10.15 11.10 -21.65
C ILE A 30 -10.44 9.76 -22.33
N ASP A 31 -10.59 9.81 -23.65
CA ASP A 31 -10.76 8.62 -24.44
C ASP A 31 -9.47 7.80 -24.42
N TYR A 32 -9.58 6.49 -24.25
CA TYR A 32 -8.41 5.61 -24.35
C TYR A 32 -7.68 5.77 -25.71
N LYS A 33 -8.42 6.05 -26.78
CA LYS A 33 -7.76 6.24 -28.09
C LYS A 33 -6.75 7.41 -28.11
N ASP A 34 -6.94 8.36 -27.20
CA ASP A 34 -6.05 9.49 -27.04
C ASP A 34 -4.97 9.30 -25.97
N PHE A 35 -4.84 8.08 -25.45
CA PHE A 35 -3.80 7.73 -24.48
C PHE A 35 -2.45 7.63 -25.19
N GLU A 36 -1.48 8.34 -24.66
N GLU A 36 -1.45 8.32 -24.66
CA GLU A 36 -0.19 8.59 -25.32
CA GLU A 36 -0.21 8.57 -25.38
C GLU A 36 0.71 7.36 -25.30
C GLU A 36 0.76 7.39 -25.27
N TYR A 37 0.56 6.56 -24.25
CA TYR A 37 1.31 5.31 -24.08
C TYR A 37 0.63 4.08 -24.63
N LYS A 38 -0.48 4.24 -25.36
CA LYS A 38 -1.28 3.11 -25.79
C LYS A 38 -0.52 2.03 -26.58
N GLU A 39 0.50 2.42 -27.34
N GLU A 39 0.51 2.41 -27.33
CA GLU A 39 1.34 1.44 -28.07
CA GLU A 39 1.34 1.44 -28.07
C GLU A 39 2.09 0.47 -27.15
C GLU A 39 2.08 0.47 -27.13
N TYR A 40 2.39 0.91 -25.92
CA TYR A 40 3.05 0.06 -24.92
C TYR A 40 2.08 -0.86 -24.16
N PHE A 41 0.78 -0.60 -24.26
CA PHE A 41 -0.25 -1.34 -23.55
C PHE A 41 -0.97 -2.29 -24.48
N ASN A 42 -1.38 -3.42 -23.91
CA ASN A 42 -2.13 -4.43 -24.64
C ASN A 42 -3.32 -4.86 -23.77
N LEU A 43 -4.46 -5.10 -24.40
CA LEU A 43 -5.63 -5.62 -23.69
C LEU A 43 -5.30 -6.89 -22.92
N LEU A 44 -5.63 -6.88 -21.63
CA LEU A 44 -5.28 -7.99 -20.73
C LEU A 44 -6.47 -8.83 -20.35
N CYS A 45 -7.58 -8.19 -19.98
CA CYS A 45 -8.78 -8.87 -19.53
C CYS A 45 -9.91 -7.86 -19.47
N GLU A 46 -11.09 -8.36 -19.13
CA GLU A 46 -12.23 -7.50 -18.85
C GLU A 46 -12.72 -7.84 -17.46
N LEU A 47 -13.28 -6.85 -16.81
CA LEU A 47 -13.96 -7.02 -15.52
C LEU A 47 -15.47 -6.92 -15.73
N VAL A 48 -16.17 -7.90 -15.22
CA VAL A 48 -17.63 -7.98 -15.37
C VAL A 48 -18.31 -7.77 -14.02
N PRO A 49 -19.07 -6.66 -13.88
CA PRO A 49 -19.77 -6.44 -12.61
C PRO A 49 -20.81 -7.49 -12.35
N ASN A 50 -20.80 -7.97 -11.12
CA ASN A 50 -21.81 -8.87 -10.63
C ASN A 50 -22.44 -8.25 -9.38
N ASN A 51 -23.48 -7.45 -9.59
CA ASN A 51 -24.12 -6.72 -8.50
C ASN A 51 -24.70 -7.60 -7.40
N SER A 52 -25.35 -8.71 -7.77
CA SER A 52 -25.93 -9.57 -6.76
CA SER A 52 -25.92 -9.60 -6.79
C SER A 52 -24.87 -10.07 -5.79
N LEU A 53 -23.67 -10.36 -6.29
CA LEU A 53 -22.61 -10.87 -5.45
C LEU A 53 -21.62 -9.79 -4.98
N GLU A 54 -21.89 -8.54 -5.36
CA GLU A 54 -21.09 -7.36 -4.96
C GLU A 54 -19.62 -7.57 -5.26
N LYS A 55 -19.33 -7.95 -6.50
CA LYS A 55 -17.97 -8.25 -6.89
C LYS A 55 -17.82 -8.08 -8.38
N LEU A 56 -16.57 -8.04 -8.80
CA LEU A 56 -16.16 -8.09 -10.18
C LEU A 56 -15.61 -9.46 -10.59
N GLU A 57 -16.11 -9.97 -11.70
CA GLU A 57 -15.61 -11.22 -12.28
CA GLU A 57 -15.63 -11.22 -12.29
C GLU A 57 -14.61 -10.87 -13.36
N ILE A 58 -13.78 -11.83 -13.76
CA ILE A 58 -12.72 -11.57 -14.76
C ILE A 58 -12.92 -12.43 -16.00
N ASN A 59 -12.89 -11.79 -17.15
CA ASN A 59 -12.83 -12.46 -18.45
C ASN A 59 -11.37 -12.36 -18.88
N ALA A 60 -10.62 -13.46 -18.79
CA ALA A 60 -9.21 -13.49 -19.18
C ALA A 60 -9.08 -13.34 -20.69
N ILE A 61 -8.20 -12.46 -21.14
CA ILE A 61 -8.01 -12.24 -22.58
C ILE A 61 -6.60 -12.63 -23.01
N ASP A 62 -5.62 -11.95 -22.42
CA ASP A 62 -4.19 -12.20 -22.69
C ASP A 62 -3.75 -13.32 -21.74
N GLU A 63 -4.14 -14.55 -22.08
N GLU A 63 -4.12 -14.54 -22.10
CA GLU A 63 -4.00 -15.70 -21.16
CA GLU A 63 -3.97 -15.72 -21.23
C GLU A 63 -2.56 -15.93 -20.68
C GLU A 63 -2.57 -15.86 -20.67
N LYS A 64 -1.59 -15.74 -21.56
CA LYS A 64 -0.19 -15.95 -21.20
C LYS A 64 0.31 -14.94 -20.15
N ASN A 65 -0.38 -13.81 -19.98
CA ASN A 65 -0.01 -12.78 -19.00
C ASN A 65 -0.88 -12.69 -17.75
N MSE A 66 -1.84 -13.59 -17.62
CA MSE A 66 -2.75 -13.56 -16.48
C MSE A 66 -2.06 -13.86 -15.13
O MSE A 66 -2.57 -13.45 -14.09
CB MSE A 66 -3.93 -14.51 -16.69
CG MSE A 66 -4.84 -14.07 -17.82
SE MSE A 66 -5.63 -12.30 -17.61
CE MSE A 66 -6.57 -12.54 -15.88
N LYS A 67 -0.95 -14.59 -15.15
CA LYS A 67 -0.19 -14.88 -13.92
C LYS A 67 1.10 -14.03 -13.83
N ASN A 68 1.32 -13.14 -14.80
N ASN A 68 1.30 -13.12 -14.78
CA ASN A 68 2.47 -12.22 -14.80
CA ASN A 68 2.45 -12.23 -14.81
C ASN A 68 2.33 -11.15 -13.72
C ASN A 68 2.33 -11.14 -13.74
N GLU A 69 3.43 -10.89 -13.02
CA GLU A 69 3.45 -9.96 -11.87
C GLU A 69 4.14 -8.65 -12.21
N GLY A 70 3.62 -7.52 -11.75
CA GLY A 70 4.26 -6.23 -11.97
C GLY A 70 3.77 -5.59 -13.25
N LEU A 71 2.70 -4.81 -13.13
CA LEU A 71 2.07 -4.19 -14.29
C LEU A 71 1.55 -2.79 -13.94
N VAL A 72 1.45 -1.96 -14.97
CA VAL A 72 0.60 -0.80 -14.95
C VAL A 72 -0.66 -1.17 -15.73
N TYR A 73 -1.82 -0.81 -15.19
CA TYR A 73 -3.09 -1.07 -15.86
C TYR A 73 -3.94 0.17 -16.04
N VAL A 74 -4.81 0.12 -17.04
CA VAL A 74 -5.77 1.17 -17.34
C VAL A 74 -7.12 0.52 -17.44
N PHE A 75 -8.07 1.01 -16.65
CA PHE A 75 -9.47 0.61 -16.68
C PHE A 75 -10.21 1.54 -17.63
N VAL A 76 -10.84 0.95 -18.64
CA VAL A 76 -11.54 1.73 -19.66
C VAL A 76 -12.99 1.27 -19.70
N ILE A 77 -13.90 2.24 -19.69
CA ILE A 77 -15.33 1.96 -19.69
C ILE A 77 -15.97 2.75 -20.81
N GLN A 78 -16.58 2.04 -21.76
N GLN A 78 -16.55 2.04 -21.76
CA GLN A 78 -17.13 2.68 -22.96
CA GLN A 78 -17.13 2.65 -22.96
C GLN A 78 -16.16 3.70 -23.56
C GLN A 78 -16.18 3.68 -23.57
N GLY A 79 -14.93 3.24 -23.74
CA GLY A 79 -13.88 4.07 -24.34
C GLY A 79 -13.19 5.11 -23.47
N LYS A 80 -13.72 5.36 -22.26
CA LYS A 80 -13.21 6.40 -21.37
C LYS A 80 -12.24 5.81 -20.34
N ILE A 81 -11.14 6.52 -20.09
CA ILE A 81 -10.19 6.11 -19.05
C ILE A 81 -10.75 6.44 -17.68
N PHE A 82 -11.07 5.41 -16.91
CA PHE A 82 -11.61 5.57 -15.57
C PHE A 82 -10.48 5.68 -14.54
N LYS A 83 -9.46 4.85 -14.70
CA LYS A 83 -8.29 4.90 -13.84
C LYS A 83 -7.05 4.28 -14.44
N ILE A 84 -5.90 4.69 -13.88
CA ILE A 84 -4.61 4.11 -14.14
C ILE A 84 -4.08 3.69 -12.79
N GLY A 85 -3.62 2.44 -12.69
CA GLY A 85 -3.06 1.91 -11.45
C GLY A 85 -1.90 0.98 -11.69
N HIS A 86 -1.37 0.40 -10.62
CA HIS A 86 -0.32 -0.57 -10.75
C HIS A 86 -0.49 -1.67 -9.71
N SER A 87 0.21 -2.77 -9.96
CA SER A 87 0.28 -3.88 -9.03
C SER A 87 1.59 -4.64 -9.18
N ILE A 88 2.19 -5.02 -8.05
CA ILE A 88 3.33 -5.95 -8.06
C ILE A 88 2.86 -7.41 -8.14
N THR A 89 1.55 -7.62 -8.07
CA THR A 89 0.96 -8.97 -8.17
C THR A 89 0.36 -9.13 -9.59
N PRO A 90 -0.16 -10.34 -9.91
CA PRO A 90 -0.95 -10.45 -11.15
C PRO A 90 -2.28 -9.70 -11.07
N ILE A 91 -2.87 -9.39 -12.21
CA ILE A 91 -4.15 -8.67 -12.24
C ILE A 91 -5.22 -9.36 -11.38
N THR A 92 -5.19 -10.68 -11.33
CA THR A 92 -6.20 -11.43 -10.63
C THR A 92 -6.23 -11.07 -9.14
N LYS A 93 -5.04 -10.98 -8.53
CA LYS A 93 -4.92 -10.58 -7.13
C LYS A 93 -5.35 -9.11 -6.91
N ARG A 94 -4.99 -8.23 -7.84
CA ARG A 94 -5.42 -6.85 -7.73
C ARG A 94 -6.94 -6.74 -7.80
N VAL A 95 -7.56 -7.51 -8.69
CA VAL A 95 -9.03 -7.54 -8.74
C VAL A 95 -9.64 -8.11 -7.45
N GLN A 96 -9.07 -9.20 -6.93
N GLN A 96 -9.04 -9.16 -6.90
CA GLN A 96 -9.37 -9.75 -5.59
CA GLN A 96 -9.54 -9.73 -5.65
C GLN A 96 -9.40 -8.62 -4.56
C GLN A 96 -9.38 -8.66 -4.51
N SER A 97 -8.35 -7.82 -4.57
CA SER A 97 -8.24 -6.64 -3.70
C SER A 97 -9.41 -5.64 -3.94
N TYR A 98 -9.66 -5.26 -5.19
CA TYR A 98 -10.86 -4.42 -5.49
C TYR A 98 -12.14 -5.01 -4.94
N ASN A 99 -12.27 -6.34 -5.02
CA ASN A 99 -13.45 -7.01 -4.48
C ASN A 99 -13.60 -6.91 -2.95
N CYS A 100 -12.58 -6.36 -2.27
CA CYS A 100 -12.68 -6.00 -0.85
C CYS A 100 -13.45 -4.71 -0.60
N GLY A 101 -13.77 -3.97 -1.66
CA GLY A 101 -14.48 -2.70 -1.55
C GLY A 101 -15.96 -2.79 -1.22
N LYS A 102 -16.37 -3.80 -0.46
CA LYS A 102 -17.77 -4.01 -0.15
C LYS A 102 -18.28 -3.00 0.88
N VAL A 103 -19.56 -2.67 0.79
CA VAL A 103 -20.19 -1.78 1.74
C VAL A 103 -19.92 -2.18 3.20
N GLU A 104 -20.08 -3.47 3.49
N GLU A 104 -20.08 -3.47 3.50
CA GLU A 104 -19.85 -3.98 4.84
CA GLU A 104 -19.86 -3.95 4.87
C GLU A 104 -18.45 -3.70 5.37
C GLU A 104 -18.44 -3.72 5.39
N TYR A 105 -17.44 -3.92 4.53
CA TYR A 105 -16.05 -3.75 4.95
C TYR A 105 -15.72 -2.26 5.08
N ARG A 106 -16.31 -1.43 4.24
CA ARG A 106 -16.17 0.03 4.37
C ARG A 106 -16.74 0.49 5.70
N LYS A 107 -17.89 -0.05 6.05
N LYS A 107 -17.89 -0.05 6.04
CA LYS A 107 -18.50 0.22 7.36
CA LYS A 107 -18.56 0.25 7.32
C LYS A 107 -17.64 -0.27 8.54
C LYS A 107 -17.69 -0.14 8.51
N ASN A 108 -17.04 -1.46 8.38
N ASN A 108 -17.08 -1.31 8.44
CA ASN A 108 -16.10 -2.01 9.36
CA ASN A 108 -16.15 -1.81 9.48
C ASN A 108 -14.79 -1.18 9.42
C ASN A 108 -14.76 -1.16 9.43
N GLY A 109 -14.48 -0.43 8.35
CA GLY A 109 -13.21 0.28 8.21
C GLY A 109 -12.04 -0.62 7.85
N THR A 110 -12.34 -1.77 7.27
CA THR A 110 -11.29 -2.75 7.00
C THR A 110 -10.84 -2.84 5.55
N CYS A 111 -11.55 -2.20 4.63
CA CYS A 111 -11.10 -2.09 3.25
C CYS A 111 -10.49 -0.74 3.00
N SER A 112 -9.69 -0.62 1.95
CA SER A 112 -9.17 0.69 1.56
C SER A 112 -10.31 1.53 0.98
N THR A 113 -10.23 2.84 1.20
CA THR A 113 -11.19 3.75 0.59
C THR A 113 -11.18 3.68 -0.95
N THR A 114 -10.01 3.43 -1.52
CA THR A 114 -9.86 3.22 -2.97
C THR A 114 -10.67 2.03 -3.45
N ASN A 115 -10.49 0.90 -2.80
CA ASN A 115 -11.18 -0.31 -3.26
C ASN A 115 -12.69 -0.13 -3.14
N TYR A 116 -13.13 0.52 -2.08
CA TYR A 116 -14.56 0.87 -1.91
C TYR A 116 -15.07 1.76 -3.03
N PHE A 117 -14.39 2.87 -3.27
CA PHE A 117 -14.80 3.79 -4.34
C PHE A 117 -14.83 3.08 -5.70
N VAL A 118 -13.78 2.34 -6.03
CA VAL A 118 -13.71 1.67 -7.33
C VAL A 118 -14.75 0.54 -7.47
N LEU A 119 -14.85 -0.36 -6.50
CA LEU A 119 -15.80 -1.47 -6.65
C LEU A 119 -17.23 -0.91 -6.76
N GLN A 120 -17.58 0.02 -5.87
CA GLN A 120 -18.96 0.52 -5.82
C GLN A 120 -19.28 1.31 -7.08
N SER A 121 -18.31 2.08 -7.58
CA SER A 121 -18.51 2.85 -8.81
C SER A 121 -18.69 1.92 -10.01
N LEU A 122 -17.84 0.92 -10.12
CA LEU A 122 -17.96 -0.04 -11.22
C LEU A 122 -19.26 -0.86 -11.17
N LEU A 123 -19.69 -1.25 -9.97
CA LEU A 123 -20.95 -1.96 -9.81
C LEU A 123 -22.14 -1.08 -10.23
N LYS A 124 -22.11 0.18 -9.84
CA LYS A 124 -23.21 1.12 -10.11
C LYS A 124 -23.30 1.49 -11.59
N ILE A 125 -22.15 1.76 -12.20
CA ILE A 125 -22.09 2.05 -13.63
C ILE A 125 -22.55 0.82 -14.40
N ASN A 126 -22.14 -0.34 -13.87
CA ASN A 126 -22.65 -1.64 -14.33
C ASN A 126 -22.37 -1.89 -15.81
N LYS A 127 -21.14 -1.54 -16.21
CA LYS A 127 -20.64 -1.87 -17.53
C LYS A 127 -19.40 -2.75 -17.43
N ILE A 128 -19.17 -3.54 -18.48
CA ILE A 128 -17.95 -4.34 -18.55
C ILE A 128 -16.78 -3.36 -18.71
N VAL A 129 -15.70 -3.63 -18.00
CA VAL A 129 -14.52 -2.78 -17.99
C VAL A 129 -13.41 -3.46 -18.76
N GLN A 130 -12.83 -2.78 -19.74
CA GLN A 130 -11.66 -3.28 -20.41
C GLN A 130 -10.42 -2.90 -19.59
N VAL A 131 -9.51 -3.86 -19.43
CA VAL A 131 -8.27 -3.66 -18.72
C VAL A 131 -7.10 -3.81 -19.70
N TYR A 132 -6.41 -2.70 -19.93
CA TYR A 132 -5.18 -2.69 -20.73
C TYR A 132 -3.98 -2.65 -19.80
N ALA A 133 -2.91 -3.33 -20.20
CA ALA A 133 -1.77 -3.50 -19.29
C ALA A 133 -0.44 -3.32 -19.98
N PHE A 134 0.54 -2.92 -19.17
CA PHE A 134 1.94 -2.80 -19.56
C PHE A 134 2.74 -3.46 -18.47
N PHE A 135 3.62 -4.41 -18.85
CA PHE A 135 4.46 -5.14 -17.90
C PHE A 135 5.90 -4.64 -18.07
N PRO A 136 6.37 -3.75 -17.18
CA PRO A 136 7.75 -3.28 -17.30
C PRO A 136 8.79 -4.37 -17.15
N GLU A 137 9.94 -4.17 -17.77
N GLU A 137 9.95 -4.16 -17.75
CA GLU A 137 11.06 -5.08 -17.56
CA GLU A 137 11.06 -5.08 -17.56
C GLU A 137 11.49 -4.99 -16.11
C GLU A 137 11.51 -4.99 -16.12
N GLN A 138 11.85 -6.13 -15.53
CA GLN A 138 12.25 -6.18 -14.13
C GLN A 138 13.77 -6.25 -14.04
N PRO A 139 14.36 -5.37 -13.22
CA PRO A 139 15.80 -5.41 -13.03
C PRO A 139 16.22 -6.58 -12.15
N THR A 140 17.48 -6.97 -12.26
N THR A 140 17.49 -6.97 -12.26
CA THR A 140 18.07 -7.92 -11.33
CA THR A 140 18.08 -7.92 -11.34
C THR A 140 18.70 -7.13 -10.20
C THR A 140 18.71 -7.15 -10.19
N TYR A 141 18.60 -7.67 -8.98
CA TYR A 141 19.19 -7.02 -7.81
C TYR A 141 19.71 -8.05 -6.83
N THR A 142 20.60 -7.60 -5.95
CA THR A 142 21.26 -8.46 -4.98
C THR A 142 20.86 -8.07 -3.57
N LEU A 143 20.58 -9.09 -2.76
CA LEU A 143 20.29 -8.91 -1.35
C LEU A 143 20.97 -10.05 -0.60
N PHE A 144 21.88 -9.70 0.30
CA PHE A 144 22.56 -10.68 1.14
C PHE A 144 23.21 -11.77 0.28
N GLY A 145 23.85 -11.36 -0.81
CA GLY A 145 24.58 -12.26 -1.69
C GLY A 145 23.73 -13.15 -2.59
N LYS A 146 22.42 -12.92 -2.65
CA LYS A 146 21.55 -13.68 -3.54
C LYS A 146 20.91 -12.74 -4.56
N THR A 147 20.66 -13.25 -5.76
N THR A 147 20.66 -13.25 -5.76
CA THR A 147 20.14 -12.44 -6.86
CA THR A 147 20.13 -12.45 -6.85
C THR A 147 18.64 -12.67 -7.07
C THR A 147 18.64 -12.67 -7.05
N TYR A 148 17.94 -11.59 -7.37
CA TYR A 148 16.49 -11.60 -7.55
C TYR A 148 16.14 -10.88 -8.83
N GLN A 149 15.05 -11.29 -9.46
CA GLN A 149 14.46 -10.52 -10.54
C GLN A 149 12.96 -10.71 -10.40
N ASP A 150 12.29 -9.69 -9.88
CA ASP A 150 10.86 -9.81 -9.65
C ASP A 150 10.21 -8.43 -9.66
N SER A 151 8.94 -8.40 -9.23
CA SER A 151 8.14 -7.19 -9.29
C SER A 151 8.27 -6.34 -8.03
N PHE A 152 8.95 -6.86 -7.01
CA PHE A 152 9.00 -6.23 -5.70
C PHE A 152 10.00 -5.08 -5.64
N SER A 153 9.71 -4.08 -4.84
CA SER A 153 10.74 -3.10 -4.42
C SER A 153 11.80 -3.85 -3.63
N THR A 154 13.02 -3.33 -3.61
N THR A 154 13.01 -3.32 -3.61
CA THR A 154 14.10 -4.05 -2.92
CA THR A 154 14.11 -4.01 -2.93
C THR A 154 13.86 -4.07 -1.41
C THR A 154 13.85 -4.06 -1.43
N SER A 155 13.23 -3.02 -0.89
CA SER A 155 12.91 -2.97 0.54
C SER A 155 11.84 -4.02 0.91
N LYS A 156 10.83 -4.19 0.05
CA LYS A 156 9.82 -5.24 0.28
C LYS A 156 10.42 -6.64 0.19
N ARG A 157 11.23 -6.91 -0.83
CA ARG A 157 11.85 -8.23 -0.93
C ARG A 157 12.75 -8.48 0.29
N ALA A 158 13.52 -7.48 0.69
CA ALA A 158 14.41 -7.61 1.85
C ALA A 158 13.63 -7.94 3.10
N GLU A 159 12.50 -7.26 3.30
CA GLU A 159 11.62 -7.51 4.44
C GLU A 159 11.09 -8.95 4.41
N ASN A 160 10.73 -9.40 3.21
N ASN A 160 10.72 -9.42 3.21
CA ASN A 160 10.22 -10.75 3.05
CA ASN A 160 10.23 -10.78 3.05
C ASN A 160 11.25 -11.82 3.40
C ASN A 160 11.26 -11.84 3.39
N VAL A 161 12.46 -11.65 2.87
CA VAL A 161 13.57 -12.57 3.12
C VAL A 161 13.88 -12.63 4.61
N ILE A 162 13.95 -11.46 5.23
CA ILE A 162 14.25 -11.35 6.65
C ILE A 162 13.16 -12.00 7.51
N LEU A 163 11.90 -11.73 7.21
CA LEU A 163 10.79 -12.24 8.01
C LEU A 163 10.64 -13.76 7.89
N GLU A 164 10.79 -14.26 6.67
CA GLU A 164 10.72 -15.70 6.46
C GLU A 164 11.89 -16.40 7.18
N ASN A 165 13.07 -15.76 7.21
N ASN A 165 13.06 -15.76 7.23
CA ASN A 165 14.23 -16.26 7.95
CA ASN A 165 14.19 -16.33 7.96
C ASN A 165 13.98 -16.17 9.46
C ASN A 165 14.04 -16.15 9.48
N PHE A 166 13.40 -15.05 9.89
CA PHE A 166 13.02 -14.85 11.31
C PHE A 166 12.11 -15.98 11.81
N ILE A 167 11.13 -16.34 10.98
CA ILE A 167 10.16 -17.38 11.33
C ILE A 167 10.82 -18.75 11.48
N LYS A 168 11.77 -19.05 10.60
CA LYS A 168 12.53 -20.30 10.68
C LYS A 168 13.43 -20.35 11.93
N ASN A 169 14.00 -19.19 12.28
CA ASN A 169 14.88 -19.11 13.43
C ASN A 169 14.12 -19.18 14.78
N HIS A 170 12.98 -18.50 14.85
CA HIS A 170 12.26 -18.31 16.11
C HIS A 170 10.86 -18.92 16.14
N ASN A 171 10.42 -19.47 15.02
CA ASN A 171 9.11 -20.10 14.94
C ASN A 171 7.95 -19.21 15.34
N LYS A 172 8.06 -17.92 15.01
CA LYS A 172 6.97 -16.99 15.19
C LYS A 172 7.33 -15.73 14.42
N LYS A 173 6.34 -14.87 14.20
CA LYS A 173 6.56 -13.51 13.69
C LYS A 173 6.48 -12.57 14.87
N PRO A 174 7.07 -11.37 14.75
CA PRO A 174 6.87 -10.40 15.83
C PRO A 174 5.40 -10.11 16.06
N ILE A 175 5.05 -9.84 17.32
CA ILE A 175 3.68 -9.54 17.69
C ILE A 175 3.00 -8.43 16.87
N GLY A 176 3.79 -7.45 16.44
CA GLY A 176 3.27 -6.35 15.62
C GLY A 176 3.07 -6.63 14.14
N CYS A 177 3.44 -7.83 13.70
CA CYS A 177 3.27 -8.29 12.31
C CYS A 177 2.16 -9.35 12.20
N THR A 178 1.41 -9.29 11.10
CA THR A 178 0.46 -10.35 10.70
C THR A 178 0.80 -10.91 9.30
N GLN A 179 1.00 -10.03 8.31
N GLN A 179 0.98 -10.05 8.30
CA GLN A 179 1.48 -10.46 6.98
CA GLN A 179 1.41 -10.51 6.97
C GLN A 179 2.96 -10.77 6.98
C GLN A 179 2.93 -10.70 6.91
N THR A 180 3.35 -11.60 6.02
CA THR A 180 4.77 -11.85 5.72
C THR A 180 5.10 -11.17 4.37
N HIS B 6 -7.94 -10.95 32.51
CA HIS B 6 -8.33 -10.70 31.10
C HIS B 6 -7.44 -9.60 30.49
N HIS B 7 -6.89 -9.85 29.29
CA HIS B 7 -6.13 -8.81 28.59
C HIS B 7 -7.07 -7.66 28.18
N HIS B 8 -8.22 -8.02 27.63
CA HIS B 8 -9.29 -7.07 27.31
C HIS B 8 -10.66 -7.72 27.55
N GLU B 9 -11.75 -6.98 27.32
CA GLU B 9 -13.09 -7.48 27.66
C GLU B 9 -14.08 -7.62 26.49
N PHE B 10 -13.76 -7.01 25.35
CA PHE B 10 -14.62 -7.06 24.17
C PHE B 10 -14.22 -8.23 23.27
N MET B 11 -15.19 -8.77 22.51
CA MET B 11 -14.89 -9.74 21.45
C MET B 11 -14.38 -8.97 20.21
N ALA B 12 -13.07 -9.01 20.00
CA ALA B 12 -12.48 -8.46 18.79
C ALA B 12 -13.01 -9.22 17.56
N LYS B 13 -13.13 -8.51 16.45
N LYS B 13 -13.15 -8.49 16.45
CA LYS B 13 -13.50 -9.13 15.18
CA LYS B 13 -13.50 -9.09 15.16
C LYS B 13 -12.27 -9.45 14.34
C LYS B 13 -12.27 -9.49 14.38
N ARG B 14 -11.11 -8.98 14.78
CA ARG B 14 -9.87 -9.09 14.03
C ARG B 14 -8.70 -8.73 14.94
N LYS B 15 -7.51 -9.19 14.57
N LYS B 15 -7.50 -9.18 14.58
CA LYS B 15 -6.32 -8.98 15.40
CA LYS B 15 -6.33 -8.99 15.44
C LYS B 15 -6.03 -7.50 15.65
C LYS B 15 -5.96 -7.50 15.63
N SER B 16 -6.18 -6.68 14.62
CA SER B 16 -5.86 -5.25 14.70
C SER B 16 -6.70 -4.49 15.72
N ASP B 17 -7.86 -5.05 16.09
CA ASP B 17 -8.75 -4.47 17.10
C ASP B 17 -8.12 -4.52 18.49
N ILE B 18 -7.20 -5.46 18.69
CA ILE B 18 -6.65 -5.70 20.02
C ILE B 18 -5.36 -4.93 20.23
N ILE B 19 -5.48 -3.84 20.97
CA ILE B 19 -4.38 -2.92 21.19
C ILE B 19 -3.55 -3.46 22.37
N LEU B 20 -2.22 -3.48 22.22
CA LEU B 20 -1.36 -3.88 23.33
C LEU B 20 -1.47 -2.86 24.46
N LYS B 21 -1.37 -3.35 25.69
N LYS B 21 -1.39 -3.34 25.70
CA LYS B 21 -1.66 -2.53 26.88
CA LYS B 21 -1.66 -2.53 26.89
C LYS B 21 -0.41 -2.09 27.66
C LYS B 21 -0.40 -2.07 27.64
N SER B 22 0.67 -2.85 27.56
CA SER B 22 1.91 -2.50 28.27
C SER B 22 3.10 -3.28 27.75
N VAL B 23 4.28 -2.92 28.23
N VAL B 23 4.28 -2.89 28.20
CA VAL B 23 5.50 -3.59 27.83
CA VAL B 23 5.50 -3.63 27.91
C VAL B 23 5.44 -5.07 28.23
C VAL B 23 5.36 -5.11 28.22
N ASP B 24 4.60 -5.41 29.21
N ASP B 24 4.59 -5.43 29.25
CA ASP B 24 4.42 -6.81 29.63
CA ASP B 24 4.39 -6.83 29.64
C ASP B 24 3.86 -7.68 28.49
C ASP B 24 3.86 -7.68 28.48
N ASP B 25 3.14 -7.05 27.56
CA ASP B 25 2.65 -7.75 26.37
C ASP B 25 3.77 -8.18 25.42
N LEU B 26 4.97 -7.66 25.60
CA LEU B 26 6.12 -8.05 24.78
C LEU B 26 7.01 -9.12 25.41
N LYS B 27 6.61 -9.64 26.57
CA LYS B 27 7.46 -10.54 27.37
C LYS B 27 7.91 -11.81 26.63
N ASP B 28 7.09 -12.29 25.69
CA ASP B 28 7.42 -13.50 24.90
C ASP B 28 7.99 -13.18 23.52
N GLU B 29 8.25 -11.91 23.24
CA GLU B 29 8.85 -11.53 21.98
C GLU B 29 10.34 -11.88 21.94
N ILE B 30 10.90 -11.78 20.76
CA ILE B 30 12.29 -12.13 20.49
C ILE B 30 13.17 -10.91 20.81
N ASP B 31 14.28 -11.14 21.51
CA ASP B 31 15.24 -10.06 21.76
C ASP B 31 15.94 -9.63 20.50
N TYR B 32 16.16 -8.33 20.37
CA TYR B 32 16.85 -7.79 19.22
C TYR B 32 18.26 -8.39 19.12
N LYS B 33 18.88 -8.68 20.27
CA LYS B 33 20.21 -9.32 20.25
C LYS B 33 20.23 -10.67 19.51
N ASP B 34 19.06 -11.32 19.44
CA ASP B 34 18.91 -12.62 18.74
C ASP B 34 18.44 -12.54 17.28
N PHE B 35 18.40 -11.33 16.73
CA PHE B 35 18.05 -11.09 15.33
C PHE B 35 19.26 -11.37 14.43
N GLU B 36 19.14 -12.35 13.53
CA GLU B 36 20.27 -12.85 12.74
C GLU B 36 20.83 -11.84 11.74
N TYR B 37 19.97 -10.93 11.27
CA TYR B 37 20.36 -9.91 10.29
C TYR B 37 20.82 -8.60 10.93
N LYS B 38 20.99 -8.57 12.27
CA LYS B 38 21.30 -7.32 12.99
C LYS B 38 22.57 -6.58 12.53
N GLU B 39 23.57 -7.29 12.00
N GLU B 39 23.55 -7.30 12.00
CA GLU B 39 24.80 -6.62 11.53
CA GLU B 39 24.78 -6.66 11.49
C GLU B 39 24.53 -5.72 10.31
C GLU B 39 24.51 -5.71 10.34
N TYR B 40 23.44 -6.00 9.59
CA TYR B 40 23.02 -5.16 8.48
C TYR B 40 22.25 -3.93 8.90
N PHE B 41 21.84 -3.89 10.17
CA PHE B 41 21.00 -2.83 10.68
C PHE B 41 21.78 -1.86 11.57
N ASN B 42 21.35 -0.60 11.56
CA ASN B 42 21.95 0.43 12.42
C ASN B 42 20.87 1.26 13.09
N LEU B 43 21.11 1.69 14.32
CA LEU B 43 20.14 2.52 15.03
C LEU B 43 19.93 3.87 14.30
N LEU B 44 18.75 4.04 13.74
CA LEU B 44 18.43 5.18 12.90
C LEU B 44 17.84 6.34 13.70
N CYS B 45 16.86 6.03 14.54
CA CYS B 45 16.13 7.04 15.29
C CYS B 45 15.36 6.38 16.42
N GLU B 46 14.67 7.19 17.19
N GLU B 46 14.66 7.21 17.18
CA GLU B 46 13.78 6.68 18.21
CA GLU B 46 13.76 6.75 18.20
C GLU B 46 12.43 7.40 18.13
C GLU B 46 12.39 7.39 18.02
N LEU B 47 11.35 6.65 18.39
CA LEU B 47 9.99 7.21 18.41
C LEU B 47 9.62 7.48 19.87
N VAL B 48 9.06 8.68 20.09
CA VAL B 48 8.64 9.14 21.40
C VAL B 48 7.12 9.33 21.42
N PRO B 49 6.39 8.47 22.15
CA PRO B 49 4.95 8.63 22.25
C PRO B 49 4.58 9.97 22.83
N ASN B 50 3.64 10.64 22.18
CA ASN B 50 3.02 11.86 22.67
C ASN B 50 1.52 11.63 22.82
N ASN B 51 1.11 11.12 23.97
CA ASN B 51 -0.28 10.73 24.16
C ASN B 51 -1.26 11.89 24.04
N SER B 52 -0.88 13.07 24.55
N SER B 52 -0.88 13.07 24.54
CA SER B 52 -1.74 14.25 24.47
CA SER B 52 -1.79 14.22 24.48
C SER B 52 -2.14 14.57 23.04
C SER B 52 -2.12 14.64 23.05
N LEU B 53 -1.18 14.43 22.13
CA LEU B 53 -1.42 14.77 20.72
C LEU B 53 -1.71 13.53 19.86
N GLU B 54 -1.81 12.36 20.51
CA GLU B 54 -2.11 11.09 19.84
C GLU B 54 -1.19 10.85 18.65
N LYS B 55 0.11 10.97 18.91
CA LYS B 55 1.09 10.80 17.85
C LYS B 55 2.42 10.38 18.37
N LEU B 56 3.26 9.94 17.44
CA LEU B 56 4.65 9.60 17.67
C LEU B 56 5.56 10.73 17.16
N GLU B 57 6.48 11.15 18.02
CA GLU B 57 7.53 12.10 17.65
CA GLU B 57 7.52 12.09 17.64
C GLU B 57 8.80 11.32 17.33
N ILE B 58 9.71 11.95 16.61
CA ILE B 58 10.96 11.33 16.23
C ILE B 58 12.16 12.07 16.79
N ASN B 59 13.03 11.31 17.44
CA ASN B 59 14.38 11.77 17.73
CA ASN B 59 14.40 11.73 17.78
C ASN B 59 15.36 11.12 16.75
N ALA B 60 15.95 11.95 15.88
CA ALA B 60 16.92 11.46 14.89
C ALA B 60 18.19 11.05 15.63
N ILE B 61 18.77 9.94 15.21
CA ILE B 61 20.00 9.45 15.79
C ILE B 61 21.05 9.39 14.67
N ASP B 62 20.78 8.59 13.64
CA ASP B 62 21.69 8.44 12.49
C ASP B 62 21.29 9.54 11.52
N GLU B 63 21.67 10.76 11.86
N GLU B 63 21.66 10.77 11.86
CA GLU B 63 21.19 11.95 11.14
CA GLU B 63 21.18 11.96 11.13
C GLU B 63 21.42 11.92 9.64
C GLU B 63 21.42 11.92 9.62
N LYS B 64 22.56 11.37 9.21
CA LYS B 64 22.90 11.30 7.78
C LYS B 64 21.92 10.46 6.95
N ASN B 65 21.19 9.57 7.62
CA ASN B 65 20.24 8.65 6.97
C ASN B 65 18.77 8.96 7.11
N MSE B 66 18.44 10.07 7.77
CA MSE B 66 17.05 10.43 8.01
C MSE B 66 16.23 10.72 6.74
O MSE B 66 14.99 10.63 6.76
CB MSE B 66 16.95 11.61 8.98
CG MSE B 66 17.49 11.29 10.38
SE MSE B 66 16.53 9.80 11.21
CE MSE B 66 14.76 10.54 11.23
N LYS B 67 16.91 11.09 5.65
CA LYS B 67 16.20 11.30 4.38
C LYS B 67 16.41 10.18 3.35
N ASN B 68 17.15 9.14 3.72
N ASN B 68 17.12 9.13 3.74
CA ASN B 68 17.34 7.96 2.87
CA ASN B 68 17.35 7.99 2.88
C ASN B 68 16.01 7.27 2.62
C ASN B 68 16.04 7.23 2.64
N GLU B 69 15.77 6.90 1.38
N GLU B 69 15.77 6.91 1.38
CA GLU B 69 14.51 6.25 0.99
CA GLU B 69 14.52 6.25 1.00
C GLU B 69 14.74 4.78 0.68
C GLU B 69 14.75 4.76 0.70
N GLY B 70 13.83 3.91 1.13
CA GLY B 70 13.91 2.50 0.86
C GLY B 70 14.65 1.79 1.97
N LEU B 71 13.90 1.31 2.95
CA LEU B 71 14.49 0.65 4.10
C LEU B 71 13.63 -0.48 4.64
N VAL B 72 14.28 -1.43 5.29
CA VAL B 72 13.64 -2.31 6.24
C VAL B 72 13.90 -1.74 7.63
N TYR B 73 12.89 -1.76 8.50
CA TYR B 73 13.09 -1.26 9.84
C TYR B 73 12.60 -2.27 10.86
N VAL B 74 13.13 -2.15 12.07
CA VAL B 74 12.74 -2.98 13.18
C VAL B 74 12.44 -2.03 14.34
N PHE B 75 11.24 -2.14 14.91
CA PHE B 75 10.87 -1.38 16.08
C PHE B 75 11.18 -2.23 17.30
N VAL B 76 11.98 -1.70 18.21
CA VAL B 76 12.42 -2.42 19.39
C VAL B 76 12.03 -1.62 20.63
N ILE B 77 11.43 -2.33 21.59
CA ILE B 77 11.06 -1.73 22.86
C ILE B 77 11.68 -2.55 23.98
N GLN B 78 12.53 -1.89 24.79
CA GLN B 78 13.24 -2.57 25.86
C GLN B 78 13.87 -3.88 25.40
N GLY B 79 14.59 -3.84 24.29
CA GLY B 79 15.33 -5.00 23.79
C GLY B 79 14.51 -6.02 23.04
N LYS B 80 13.19 -5.83 22.98
CA LYS B 80 12.27 -6.80 22.34
C LYS B 80 11.81 -6.28 20.98
N ILE B 81 11.78 -7.17 19.99
CA ILE B 81 11.31 -6.82 18.66
C ILE B 81 9.78 -6.78 18.65
N PHE B 82 9.24 -5.58 18.45
CA PHE B 82 7.80 -5.36 18.34
C PHE B 82 7.32 -5.61 16.90
N LYS B 83 8.04 -5.09 15.92
CA LYS B 83 7.72 -5.38 14.53
C LYS B 83 8.86 -5.15 13.59
N ILE B 84 8.73 -5.75 12.42
CA ILE B 84 9.63 -5.55 11.29
C ILE B 84 8.73 -5.06 10.15
N GLY B 85 9.18 -4.01 9.47
CA GLY B 85 8.42 -3.41 8.36
C GLY B 85 9.32 -2.87 7.27
N HIS B 86 8.73 -2.26 6.26
CA HIS B 86 9.51 -1.63 5.22
C HIS B 86 8.84 -0.36 4.70
N SER B 87 9.64 0.47 4.06
CA SER B 87 9.12 1.63 3.38
C SER B 87 9.99 2.01 2.20
N ILE B 88 9.36 2.43 1.11
CA ILE B 88 10.02 3.07 -0.03
C ILE B 88 10.28 4.57 0.19
N THR B 89 9.74 5.12 1.29
CA THR B 89 9.96 6.52 1.65
C THR B 89 11.02 6.56 2.78
N PRO B 90 11.40 7.77 3.22
CA PRO B 90 12.18 7.84 4.46
C PRO B 90 11.39 7.46 5.70
N ILE B 91 12.11 7.14 6.77
CA ILE B 91 11.45 6.77 8.01
C ILE B 91 10.45 7.83 8.47
N THR B 92 10.77 9.10 8.22
CA THR B 92 9.91 10.20 8.67
C THR B 92 8.50 10.07 8.08
N LYS B 93 8.40 9.77 6.79
CA LYS B 93 7.08 9.63 6.17
C LYS B 93 6.37 8.35 6.60
N ARG B 94 7.11 7.29 6.84
CA ARG B 94 6.50 6.09 7.38
C ARG B 94 5.91 6.35 8.77
N VAL B 95 6.60 7.12 9.62
CA VAL B 95 6.06 7.49 10.91
C VAL B 95 4.84 8.41 10.79
N GLN B 96 4.89 9.34 9.85
N GLN B 96 4.86 9.32 9.83
CA GLN B 96 3.73 10.17 9.52
CA GLN B 96 3.68 10.16 9.65
C GLN B 96 2.52 9.29 9.22
C GLN B 96 2.49 9.30 9.19
N SER B 97 2.77 8.22 8.47
CA SER B 97 1.72 7.26 8.13
C SER B 97 1.20 6.54 9.40
N TYR B 98 2.11 6.11 10.29
CA TYR B 98 1.71 5.51 11.57
C TYR B 98 0.83 6.52 12.35
N ASN B 99 1.13 7.80 12.23
CA ASN B 99 0.39 8.84 12.94
C ASN B 99 -1.02 9.07 12.41
N CYS B 100 -1.35 8.36 11.33
CA CYS B 100 -2.71 8.31 10.80
C CYS B 100 -3.59 7.30 11.57
N GLY B 101 -3.00 6.54 12.49
CA GLY B 101 -3.69 5.50 13.22
C GLY B 101 -4.54 6.01 14.39
N LYS B 102 -5.11 7.20 14.25
N LYS B 102 -5.12 7.19 14.24
CA LYS B 102 -5.88 7.82 15.32
CA LYS B 102 -5.88 7.81 15.32
C LYS B 102 -7.25 7.18 15.46
C LYS B 102 -7.25 7.19 15.45
N VAL B 103 -7.76 7.20 16.68
CA VAL B 103 -9.07 6.64 16.96
C VAL B 103 -10.16 7.21 16.01
N GLU B 104 -10.12 8.52 15.78
N GLU B 104 -10.13 8.51 15.79
CA GLU B 104 -11.11 9.19 14.93
CA GLU B 104 -11.16 9.17 14.96
C GLU B 104 -11.09 8.65 13.52
C GLU B 104 -11.09 8.72 13.50
N TYR B 105 -9.88 8.47 13.00
CA TYR B 105 -9.73 8.00 11.62
C TYR B 105 -10.09 6.53 11.50
N ARG B 106 -9.77 5.72 12.52
CA ARG B 106 -10.23 4.35 12.56
C ARG B 106 -11.76 4.26 12.55
N LYS B 107 -12.41 5.14 13.30
N LYS B 107 -12.40 5.13 13.32
CA LYS B 107 -13.87 5.26 13.25
CA LYS B 107 -13.85 5.19 13.37
C LYS B 107 -14.35 5.66 11.86
C LYS B 107 -14.44 5.52 12.01
N ASN B 108 -13.65 6.62 11.24
N ASN B 108 -13.79 6.43 11.28
CA ASN B 108 -13.95 7.07 9.88
CA ASN B 108 -14.25 6.85 9.96
C ASN B 108 -13.79 5.93 8.86
C ASN B 108 -13.80 5.91 8.84
N GLY B 109 -12.96 4.94 9.18
CA GLY B 109 -12.51 3.91 8.25
C GLY B 109 -11.48 4.39 7.23
N THR B 110 -10.77 5.48 7.53
CA THR B 110 -9.86 6.11 6.58
C THR B 110 -8.38 5.85 6.85
N CYS B 111 -8.05 5.27 8.00
CA CYS B 111 -6.67 4.83 8.25
C CYS B 111 -6.57 3.32 8.05
N SER B 112 -5.36 2.84 7.83
CA SER B 112 -5.16 1.41 7.77
C SER B 112 -5.32 0.78 9.16
N THR B 113 -5.79 -0.45 9.20
CA THR B 113 -5.86 -1.13 10.49
C THR B 113 -4.46 -1.27 11.13
N THR B 114 -3.42 -1.48 10.32
CA THR B 114 -2.04 -1.56 10.79
C THR B 114 -1.64 -0.29 11.53
N ASN B 115 -1.89 0.85 10.91
CA ASN B 115 -1.49 2.10 11.51
C ASN B 115 -2.20 2.34 12.84
N TYR B 116 -3.51 2.05 12.86
CA TYR B 116 -4.31 2.06 14.09
C TYR B 116 -3.70 1.17 15.17
N PHE B 117 -3.49 -0.11 14.85
CA PHE B 117 -2.95 -1.04 15.81
C PHE B 117 -1.59 -0.59 16.35
N VAL B 118 -0.69 -0.16 15.44
CA VAL B 118 0.65 0.17 15.89
C VAL B 118 0.65 1.49 16.68
N LEU B 119 0.01 2.54 16.16
CA LEU B 119 0.00 3.82 16.88
C LEU B 119 -0.61 3.62 18.27
N GLN B 120 -1.77 2.96 18.33
CA GLN B 120 -2.47 2.86 19.61
C GLN B 120 -1.69 2.01 20.59
N SER B 121 -1.04 0.95 20.09
CA SER B 121 -0.28 0.05 20.95
C SER B 121 0.96 0.80 21.49
N LEU B 122 1.66 1.51 20.62
CA LEU B 122 2.84 2.27 21.06
C LEU B 122 2.50 3.41 22.02
N LEU B 123 1.37 4.06 21.82
CA LEU B 123 0.93 5.10 22.73
C LEU B 123 0.60 4.50 24.10
N LYS B 124 -0.06 3.35 24.11
CA LYS B 124 -0.45 2.71 25.36
C LYS B 124 0.76 2.12 26.12
N ILE B 125 1.69 1.48 25.40
CA ILE B 125 2.93 0.97 26.00
C ILE B 125 3.75 2.15 26.58
N ASN B 126 3.76 3.25 25.85
CA ASN B 126 4.30 4.52 26.31
C ASN B 126 5.76 4.46 26.69
N LYS B 127 6.52 3.76 25.86
CA LYS B 127 7.97 3.70 25.96
C LYS B 127 8.58 4.27 24.69
N ILE B 128 9.80 4.78 24.81
CA ILE B 128 10.61 5.16 23.66
C ILE B 128 10.90 3.90 22.85
N VAL B 129 10.78 4.01 21.53
CA VAL B 129 10.96 2.89 20.62
C VAL B 129 12.24 3.09 19.83
N GLN B 130 13.16 2.14 19.91
CA GLN B 130 14.34 2.16 19.08
C GLN B 130 13.97 1.71 17.67
N VAL B 131 14.42 2.47 16.67
CA VAL B 131 14.21 2.09 15.27
C VAL B 131 15.55 1.76 14.59
N TYR B 132 15.72 0.48 14.28
CA TYR B 132 16.89 -0.02 13.55
C TYR B 132 16.56 -0.10 12.09
N ALA B 133 17.52 0.25 11.23
CA ALA B 133 17.24 0.35 9.79
C ALA B 133 18.33 -0.29 8.95
N PHE B 134 17.90 -0.86 7.83
CA PHE B 134 18.78 -1.38 6.80
C PHE B 134 18.31 -0.80 5.47
N PHE B 135 19.23 -0.20 4.72
CA PHE B 135 18.91 0.41 3.44
C PHE B 135 19.50 -0.44 2.31
N PRO B 136 18.68 -1.27 1.66
CA PRO B 136 19.21 -2.08 0.56
C PRO B 136 19.75 -1.23 -0.59
N GLU B 137 20.71 -1.78 -1.33
N GLU B 137 20.70 -1.77 -1.34
CA GLU B 137 21.20 -1.15 -2.57
CA GLU B 137 21.21 -1.07 -2.51
C GLU B 137 20.06 -1.12 -3.57
C GLU B 137 20.14 -1.13 -3.61
N GLN B 138 20.00 -0.03 -4.35
CA GLN B 138 18.93 0.14 -5.31
C GLN B 138 19.44 -0.17 -6.70
N PRO B 139 18.74 -1.04 -7.44
CA PRO B 139 19.14 -1.34 -8.80
C PRO B 139 18.83 -0.19 -9.74
N THR B 140 19.55 -0.15 -10.86
N THR B 140 19.55 -0.14 -10.86
CA THR B 140 19.24 0.77 -11.94
CA THR B 140 19.24 0.77 -11.94
C THR B 140 18.31 0.05 -12.91
C THR B 140 18.31 0.05 -12.91
N TYR B 141 17.30 0.76 -13.41
CA TYR B 141 16.34 0.18 -14.33
C TYR B 141 15.93 1.20 -15.38
N THR B 142 15.40 0.70 -16.49
CA THR B 142 15.05 1.55 -17.62
C THR B 142 13.55 1.50 -17.89
N LEU B 143 12.97 2.64 -18.21
CA LEU B 143 11.56 2.73 -18.59
C LEU B 143 11.42 3.80 -19.65
N PHE B 144 10.93 3.39 -20.82
CA PHE B 144 10.67 4.32 -21.91
C PHE B 144 11.93 5.11 -22.26
N GLY B 145 13.05 4.40 -22.30
CA GLY B 145 14.34 4.98 -22.70
C GLY B 145 14.98 5.92 -21.71
N LYS B 146 14.54 5.85 -20.45
CA LYS B 146 15.13 6.67 -19.39
C LYS B 146 15.48 5.75 -18.25
N THR B 147 16.61 6.03 -17.59
N THR B 147 16.61 6.01 -17.60
CA THR B 147 17.10 5.16 -16.53
CA THR B 147 17.09 5.12 -16.55
C THR B 147 16.71 5.74 -15.17
C THR B 147 16.80 5.73 -15.17
N TYR B 148 16.52 4.85 -14.21
CA TYR B 148 16.12 5.24 -12.85
C TYR B 148 16.91 4.44 -11.86
N GLN B 149 17.17 5.02 -10.70
CA GLN B 149 17.72 4.28 -9.58
C GLN B 149 17.08 4.86 -8.33
N ASP B 150 16.13 4.11 -7.80
CA ASP B 150 15.38 4.58 -6.66
C ASP B 150 14.77 3.41 -5.87
N SER B 151 13.89 3.74 -4.94
CA SER B 151 13.33 2.77 -4.02
C SER B 151 12.01 2.18 -4.50
N PHE B 152 11.53 2.64 -5.65
CA PHE B 152 10.21 2.26 -6.16
C PHE B 152 10.28 0.91 -6.86
N SER B 153 9.19 0.16 -6.80
CA SER B 153 9.01 -0.96 -7.72
C SER B 153 8.94 -0.37 -9.14
N THR B 154 9.31 -1.17 -10.15
N THR B 154 9.30 -1.18 -10.13
CA THR B 154 9.27 -0.70 -11.52
CA THR B 154 9.27 -0.72 -11.51
C THR B 154 7.85 -0.34 -11.98
C THR B 154 7.86 -0.36 -11.98
N SER B 155 6.85 -1.12 -11.55
CA SER B 155 5.46 -0.81 -11.89
C SER B 155 4.99 0.49 -11.24
N LYS B 156 5.38 0.75 -9.98
CA LYS B 156 5.01 2.01 -9.33
C LYS B 156 5.67 3.19 -10.03
N ARG B 157 6.95 3.08 -10.35
CA ARG B 157 7.64 4.15 -11.06
C ARG B 157 6.99 4.37 -12.43
N ALA B 158 6.69 3.26 -13.12
CA ALA B 158 6.05 3.33 -14.43
C ALA B 158 4.70 4.06 -14.34
N GLU B 159 3.90 3.75 -13.33
CA GLU B 159 2.63 4.42 -13.11
C GLU B 159 2.80 5.92 -12.90
N ASN B 160 3.76 6.28 -12.05
N ASN B 160 3.75 6.27 -12.02
CA ASN B 160 4.02 7.67 -11.72
CA ASN B 160 4.10 7.67 -11.73
C ASN B 160 4.43 8.48 -12.96
C ASN B 160 4.38 8.45 -12.99
N VAL B 161 5.27 7.90 -13.81
CA VAL B 161 5.73 8.54 -15.03
C VAL B 161 4.59 8.74 -16.01
N ILE B 162 3.82 7.68 -16.21
CA ILE B 162 2.66 7.70 -17.10
C ILE B 162 1.63 8.71 -16.59
N LEU B 163 1.40 8.74 -15.28
CA LEU B 163 0.38 9.62 -14.71
C LEU B 163 0.75 11.08 -14.81
N GLU B 164 2.02 11.40 -14.61
N GLU B 164 2.02 11.41 -14.62
CA GLU B 164 2.49 12.77 -14.72
CA GLU B 164 2.45 12.79 -14.71
C GLU B 164 2.45 13.24 -16.18
C GLU B 164 2.49 13.26 -16.19
N ASN B 165 2.84 12.37 -17.10
N ASN B 165 2.85 12.36 -17.10
CA ASN B 165 2.76 12.70 -18.53
CA ASN B 165 2.78 12.64 -18.54
C ASN B 165 1.33 12.73 -19.10
C ASN B 165 1.34 12.75 -19.05
N PHE B 166 0.44 11.93 -18.50
CA PHE B 166 -1.00 12.02 -18.80
C PHE B 166 -1.51 13.42 -18.41
N ILE B 167 -1.12 13.87 -17.21
CA ILE B 167 -1.51 15.18 -16.68
C ILE B 167 -0.89 16.32 -17.50
N LYS B 168 0.30 16.10 -18.04
CA LYS B 168 0.92 17.05 -18.96
C LYS B 168 0.14 17.17 -20.26
N ASN B 169 -0.27 16.02 -20.80
CA ASN B 169 -0.95 15.98 -22.08
C ASN B 169 -2.40 16.38 -22.01
N HIS B 170 -3.08 16.03 -20.92
CA HIS B 170 -4.54 16.19 -20.80
C HIS B 170 -4.96 17.17 -19.74
N ASN B 171 -4.01 17.63 -18.94
CA ASN B 171 -4.27 18.66 -17.94
C ASN B 171 -5.28 18.21 -16.88
N LYS B 172 -5.21 16.93 -16.51
CA LYS B 172 -6.13 16.36 -15.51
C LYS B 172 -5.69 14.91 -15.26
N LYS B 173 -6.11 14.36 -14.12
N LYS B 173 -6.11 14.33 -14.15
CA LYS B 173 -5.97 12.94 -13.82
CA LYS B 173 -5.91 12.92 -13.88
C LYS B 173 -7.29 12.24 -14.08
C LYS B 173 -7.27 12.22 -14.00
N PRO B 174 -7.25 10.91 -14.31
CA PRO B 174 -8.54 10.21 -14.45
C PRO B 174 -9.37 10.35 -13.19
N ILE B 175 -10.69 10.40 -13.38
CA ILE B 175 -11.65 10.56 -12.30
C ILE B 175 -11.46 9.51 -11.19
N GLY B 176 -11.04 8.30 -11.57
CA GLY B 176 -10.78 7.23 -10.61
C GLY B 176 -9.48 7.32 -9.83
N CYS B 177 -8.66 8.33 -10.11
CA CYS B 177 -7.36 8.58 -9.45
C CYS B 177 -7.40 9.82 -8.57
N THR B 178 -6.72 9.76 -7.42
CA THR B 178 -6.50 10.92 -6.54
C THR B 178 -5.00 11.14 -6.26
N GLN B 179 -4.30 10.09 -5.84
N GLN B 179 -4.29 10.11 -5.81
CA GLN B 179 -2.84 10.14 -5.64
CA GLN B 179 -2.83 10.22 -5.60
C GLN B 179 -2.10 10.17 -6.98
C GLN B 179 -2.07 10.12 -6.92
N THR B 180 -0.86 10.66 -6.94
CA THR B 180 0.08 10.47 -8.07
C THR B 180 1.21 9.52 -7.62
NA NA E . 5.39 -4.91 6.04
CL CL F . 16.33 -13.77 13.06
NA NA G . -1.89 3.77 -7.98
#